data_3ECP
#
_entry.id   3ECP
#
_cell.length_a   113.508
_cell.length_b   113.508
_cell.length_c   228.775
_cell.angle_alpha   90.00
_cell.angle_beta   90.00
_cell.angle_gamma   120.00
#
_symmetry.space_group_name_H-M   'P 65 2 2'
#
loop_
_entity.id
_entity.type
_entity.pdbx_description
1 polymer 'Tn5 transposase'
2 polymer 'DNA transferred strand'
3 polymer 'DNA non-transferred strand'
4 non-polymer GLYCEROL
5 water water
#
loop_
_entity_poly.entity_id
_entity_poly.type
_entity_poly.pdbx_seq_one_letter_code
_entity_poly.pdbx_strand_id
1 'polypeptide(L)'
;MITSALHRAADWAKSVFSSAALGDPRRTARLVNVAAQLAKYSGKSITISSEGSKAAQEGAYRFIRNPNVSAEAIRKAGAM
QTVKLAQEFPELLAIEDTTSLSYRHQVAEELGKLGSIQDKSRGWWVHSVLLLEATTFRTVGLLHQEWWMRPDDPADADEK
ESGKWLAAAATSRLRMGSMMSNVIAVCDREADIHAYLQDKLAHNERFVVRSKHPRKDVESGLYLYDHLKNQPELGGYQIS
IPQKGVVDKRGKRKNRPARKASLSLRSGRITLKQGNITLNAVLAEEINPPKGETPLKWLLLTSEPVESLAQALRVIDIYT
HRWRIEEFHKAWKTGAGAERQRMEEPDNLERMVSILSFVAVRLLQLRESFTPPQALRAQGLLKEAEHVESQSAETVLTPD
ECQLLGYLDKGKRKRKEKAGSLQWAYMAIARLGGFMDSKRTGIASWGALWEGWEALQSKLDGFLAAKDLMAQGIKIG
;
A
2 'polydeoxyribonucleotide' (DG)(DA)(DC)(DT)(DT)(DG)(DT)(DG)(DT)(DA)(DT)(DA)(DA)(DG)(DA)(DG)(DT)(DC)(DA)(DG) B
3 'polydeoxyribonucleotide' (DC)(DT)(DG)(DA)(DC)(DT)(DC)(DT)(DT)(DA)(DT)(DA)(DC)(DA)(DC)(DA)(DA)(DG)(DT)(DC) C
#
loop_
_chem_comp.id
_chem_comp.type
_chem_comp.name
_chem_comp.formula
DA DNA linking 2'-DEOXYADENOSINE-5'-MONOPHOSPHATE 'C10 H14 N5 O6 P'
DC DNA linking 2'-DEOXYCYTIDINE-5'-MONOPHOSPHATE 'C9 H14 N3 O7 P'
DG DNA linking 2'-DEOXYGUANOSINE-5'-MONOPHOSPHATE 'C10 H14 N5 O7 P'
DT DNA linking THYMIDINE-5'-MONOPHOSPHATE 'C10 H15 N2 O8 P'
GOL non-polymer GLYCEROL 'C3 H8 O3'
#
# COMPACT_ATOMS: atom_id res chain seq x y z
N THR A 3 -14.52 1.93 -1.64
CA THR A 3 -15.19 3.01 -0.87
C THR A 3 -16.66 2.65 -0.55
N SER A 4 -17.55 2.91 -1.51
CA SER A 4 -18.95 2.52 -1.42
C SER A 4 -19.07 1.03 -1.67
N ALA A 5 -18.27 0.53 -2.61
CA ALA A 5 -18.31 -0.88 -2.97
C ALA A 5 -17.05 -1.55 -2.45
N LEU A 6 -17.18 -2.22 -1.32
CA LEU A 6 -16.00 -2.69 -0.63
C LEU A 6 -16.28 -3.96 0.15
N HIS A 7 -17.24 -3.87 1.05
CA HIS A 7 -17.58 -4.95 1.96
C HIS A 7 -18.16 -6.12 1.22
N ARG A 8 -19.02 -5.80 0.25
CA ARG A 8 -19.61 -6.83 -0.58
C ARG A 8 -18.64 -7.15 -1.73
N ALA A 9 -17.99 -8.31 -1.59
CA ALA A 9 -16.90 -8.73 -2.46
C ALA A 9 -17.25 -8.74 -3.95
N ALA A 10 -18.49 -9.11 -4.26
CA ALA A 10 -18.88 -9.22 -5.65
C ALA A 10 -18.99 -7.81 -6.24
N ASP A 11 -19.60 -6.89 -5.49
CA ASP A 11 -19.72 -5.49 -5.91
C ASP A 11 -18.32 -4.93 -6.12
N TRP A 12 -17.45 -5.12 -5.12
CA TRP A 12 -16.07 -4.65 -5.20
C TRP A 12 -15.40 -5.10 -6.49
N ALA A 13 -15.54 -6.38 -6.80
CA ALA A 13 -14.83 -6.93 -7.97
C ALA A 13 -15.34 -6.37 -9.29
N LYS A 14 -16.64 -6.10 -9.39
CA LYS A 14 -17.22 -5.46 -10.59
C LYS A 14 -16.60 -4.07 -10.84
N SER A 15 -16.60 -3.23 -9.81
CA SER A 15 -16.03 -1.89 -9.89
C SER A 15 -14.55 -1.88 -10.32
N VAL A 16 -13.77 -2.80 -9.77
CA VAL A 16 -12.35 -2.83 -10.06
C VAL A 16 -12.05 -3.34 -11.46
N PHE A 17 -12.87 -4.26 -11.93
CA PHE A 17 -12.45 -5.09 -13.07
C PHE A 17 -13.37 -5.12 -14.31
N SER A 18 -14.57 -4.56 -14.23
CA SER A 18 -15.46 -4.65 -15.38
C SER A 18 -14.98 -3.82 -16.58
N SER A 19 -14.00 -2.95 -16.34
CA SER A 19 -13.41 -2.15 -17.43
C SER A 19 -12.44 -2.97 -18.31
N ALA A 20 -11.81 -4.01 -17.73
CA ALA A 20 -10.75 -4.80 -18.39
C ALA A 20 -10.94 -5.14 -19.85
N ALA A 21 -10.02 -4.70 -20.71
CA ALA A 21 -10.06 -5.08 -22.13
C ALA A 21 -9.22 -6.33 -22.33
N LEU A 22 -9.86 -7.48 -22.17
CA LEU A 22 -9.17 -8.74 -22.33
C LEU A 22 -9.50 -9.33 -23.69
N GLY A 23 -10.46 -8.68 -24.37
CA GLY A 23 -10.80 -9.01 -25.75
C GLY A 23 -11.89 -10.05 -25.87
N ASP A 24 -12.80 -10.06 -24.89
CA ASP A 24 -13.91 -11.03 -24.83
C ASP A 24 -14.58 -10.75 -23.48
N PRO A 25 -15.84 -10.27 -23.49
CA PRO A 25 -16.55 -9.93 -22.24
C PRO A 25 -16.63 -11.10 -21.28
N ARG A 26 -16.58 -12.31 -21.82
CA ARG A 26 -16.53 -13.54 -21.02
C ARG A 26 -15.30 -13.60 -20.13
N ARG A 27 -14.20 -12.98 -20.57
CA ARG A 27 -12.96 -13.00 -19.79
C ARG A 27 -13.06 -12.01 -18.66
N THR A 28 -13.67 -10.87 -18.97
CA THR A 28 -13.83 -9.81 -18.01
C THR A 28 -14.79 -10.25 -16.91
N ALA A 29 -15.92 -10.84 -17.31
CA ALA A 29 -16.88 -11.39 -16.34
C ALA A 29 -16.18 -12.47 -15.53
N ARG A 30 -15.44 -13.35 -16.20
CA ARG A 30 -14.70 -14.38 -15.47
C ARG A 30 -13.74 -13.74 -14.46
N LEU A 31 -12.99 -12.72 -14.91
CA LEU A 31 -12.08 -11.98 -14.02
C LEU A 31 -12.81 -11.50 -12.78
N VAL A 32 -13.99 -10.92 -13.01
CA VAL A 32 -14.82 -10.34 -11.98
C VAL A 32 -15.18 -11.43 -10.95
N ASN A 33 -15.73 -12.53 -11.44
CA ASN A 33 -16.05 -13.69 -10.60
C ASN A 33 -14.85 -14.17 -9.79
N VAL A 34 -13.71 -14.30 -10.46
CA VAL A 34 -12.51 -14.83 -9.83
C VAL A 34 -12.02 -13.92 -8.73
N ALA A 35 -11.92 -12.63 -9.04
CA ALA A 35 -11.52 -11.63 -8.07
C ALA A 35 -12.47 -11.65 -6.88
N ALA A 36 -13.75 -11.83 -7.17
CA ALA A 36 -14.78 -11.81 -6.14
C ALA A 36 -14.62 -12.96 -5.14
N GLN A 37 -14.46 -14.18 -5.62
CA GLN A 37 -14.27 -15.29 -4.69
C GLN A 37 -12.97 -15.14 -3.89
N LEU A 38 -11.90 -14.71 -4.54
CA LEU A 38 -10.59 -14.54 -3.86
C LEU A 38 -10.68 -13.48 -2.78
N ALA A 39 -11.44 -12.41 -3.04
CA ALA A 39 -11.57 -11.34 -2.08
C ALA A 39 -12.40 -11.79 -0.87
N LYS A 40 -13.48 -12.52 -1.15
CA LYS A 40 -14.31 -13.06 -0.09
C LYS A 40 -13.49 -14.01 0.79
N TYR A 41 -12.51 -14.68 0.19
CA TYR A 41 -11.63 -15.61 0.92
C TYR A 41 -10.17 -15.16 0.93
N SER A 42 -9.96 -13.90 1.27
CA SER A 42 -8.64 -13.30 1.20
C SER A 42 -7.65 -14.14 1.91
N GLY A 43 -6.62 -14.57 1.19
CA GLY A 43 -5.54 -15.29 1.83
C GLY A 43 -5.56 -16.77 1.61
N LYS A 44 -6.68 -17.32 1.13
CA LYS A 44 -6.85 -18.78 1.00
C LYS A 44 -6.74 -19.24 -0.44
N SER A 45 -6.61 -20.56 -0.64
CA SER A 45 -6.52 -21.18 -1.97
C SER A 45 -7.72 -20.88 -2.86
N ILE A 46 -7.48 -20.91 -4.17
CA ILE A 46 -8.52 -20.85 -5.19
C ILE A 46 -9.61 -21.89 -4.91
N THR A 47 -9.18 -23.11 -4.61
CA THR A 47 -10.08 -24.20 -4.34
C THR A 47 -10.99 -23.84 -3.19
N ILE A 48 -10.42 -23.39 -2.07
CA ILE A 48 -11.22 -23.01 -0.92
C ILE A 48 -12.09 -21.83 -1.28
N SER A 49 -11.63 -20.95 -2.14
CA SER A 49 -12.46 -19.82 -2.54
C SER A 49 -13.69 -20.24 -3.40
N SER A 50 -13.70 -21.49 -3.88
CA SER A 50 -14.75 -21.88 -4.82
C SER A 50 -16.02 -22.41 -4.13
N GLU A 51 -16.04 -22.37 -2.81
CA GLU A 51 -17.17 -22.85 -1.99
C GLU A 51 -17.80 -24.13 -2.51
N GLY A 52 -16.96 -25.09 -2.83
CA GLY A 52 -17.41 -26.38 -3.31
C GLY A 52 -17.95 -26.41 -4.73
N SER A 53 -17.89 -25.28 -5.44
CA SER A 53 -18.33 -25.30 -6.82
C SER A 53 -17.21 -25.74 -7.74
N LYS A 54 -17.41 -26.93 -8.32
CA LYS A 54 -16.58 -27.42 -9.42
C LYS A 54 -16.60 -26.45 -10.60
N ALA A 55 -17.72 -25.79 -10.81
CA ALA A 55 -17.82 -24.84 -11.89
C ALA A 55 -16.83 -23.71 -11.69
N ALA A 56 -16.91 -23.08 -10.53
CA ALA A 56 -16.08 -21.93 -10.26
C ALA A 56 -14.61 -22.33 -10.11
N GLN A 57 -14.32 -23.48 -9.50
CA GLN A 57 -12.93 -23.93 -9.44
C GLN A 57 -12.35 -24.04 -10.82
N GLU A 58 -12.96 -24.86 -11.67
CA GLU A 58 -12.53 -25.00 -13.07
C GLU A 58 -12.44 -23.67 -13.80
N GLY A 59 -13.38 -22.78 -13.57
CA GLY A 59 -13.34 -21.48 -14.20
C GLY A 59 -12.11 -20.70 -13.81
N ALA A 60 -11.86 -20.65 -12.51
CA ALA A 60 -10.76 -19.85 -11.98
C ALA A 60 -9.43 -20.28 -12.56
N TYR A 61 -9.21 -21.59 -12.57
CA TYR A 61 -7.95 -22.15 -13.05
C TYR A 61 -7.77 -21.98 -14.56
N ARG A 62 -8.85 -22.11 -15.32
CA ARG A 62 -8.81 -21.92 -16.75
C ARG A 62 -8.48 -20.48 -17.11
N PHE A 63 -8.94 -19.57 -16.25
CA PHE A 63 -8.72 -18.15 -16.46
C PHE A 63 -7.25 -17.77 -16.27
N ILE A 64 -6.62 -18.28 -15.22
CA ILE A 64 -5.25 -17.88 -14.90
C ILE A 64 -4.19 -18.60 -15.71
N ARG A 65 -4.56 -19.64 -16.45
CA ARG A 65 -3.69 -20.20 -17.48
C ARG A 65 -4.12 -19.82 -18.91
N ASN A 66 -5.00 -18.83 -19.02
CA ASN A 66 -5.54 -18.44 -20.32
C ASN A 66 -4.54 -17.57 -21.09
N PRO A 67 -4.06 -18.07 -22.25
CA PRO A 67 -3.08 -17.33 -23.08
C PRO A 67 -3.64 -16.13 -23.81
N ASN A 68 -4.95 -15.91 -23.79
CA ASN A 68 -5.49 -14.70 -24.36
C ASN A 68 -5.74 -13.68 -23.27
N VAL A 69 -5.38 -14.03 -22.03
CA VAL A 69 -5.55 -13.11 -20.92
C VAL A 69 -4.21 -12.45 -20.62
N SER A 70 -4.18 -11.15 -20.78
CA SER A 70 -3.00 -10.37 -20.53
C SER A 70 -3.00 -9.84 -19.10
N ALA A 71 -2.04 -10.34 -18.30
CA ALA A 71 -1.80 -9.81 -16.95
C ALA A 71 -1.60 -8.28 -16.95
N GLU A 72 -0.80 -7.76 -17.89
CA GLU A 72 -0.65 -6.31 -18.07
C GLU A 72 -2.02 -5.62 -18.09
N ALA A 73 -2.92 -6.16 -18.90
CA ALA A 73 -4.28 -5.60 -19.05
C ALA A 73 -5.10 -5.72 -17.77
N ILE A 74 -4.89 -6.79 -16.99
CA ILE A 74 -5.60 -6.95 -15.73
C ILE A 74 -5.24 -5.78 -14.83
N ARG A 75 -3.93 -5.60 -14.59
CA ARG A 75 -3.39 -4.55 -13.73
C ARG A 75 -3.80 -3.16 -14.21
N LYS A 76 -3.83 -2.98 -15.53
CA LYS A 76 -4.26 -1.70 -16.10
C LYS A 76 -5.70 -1.38 -15.80
N ALA A 77 -6.54 -2.41 -15.87
CA ALA A 77 -7.98 -2.21 -15.67
C ALA A 77 -8.27 -1.84 -14.23
N GLY A 78 -7.55 -2.45 -13.30
CA GLY A 78 -7.69 -2.09 -11.90
C GLY A 78 -7.27 -0.65 -11.72
N ALA A 79 -6.17 -0.29 -12.38
CA ALA A 79 -5.55 1.00 -12.16
C ALA A 79 -6.46 2.11 -12.65
N MET A 80 -7.10 1.89 -13.79
CA MET A 80 -8.07 2.87 -14.28
C MET A 80 -9.21 3.05 -13.28
N GLN A 81 -9.55 2.01 -12.54
CA GLN A 81 -10.53 2.19 -11.47
C GLN A 81 -10.00 3.14 -10.38
N THR A 82 -8.77 2.94 -9.96
CA THR A 82 -8.06 3.88 -9.10
C THR A 82 -8.17 5.32 -9.66
N VAL A 83 -7.78 5.47 -10.92
CA VAL A 83 -7.86 6.75 -11.62
C VAL A 83 -9.28 7.33 -11.49
N LYS A 84 -10.30 6.53 -11.79
CA LYS A 84 -11.72 6.91 -11.61
C LYS A 84 -12.04 7.33 -10.17
N LEU A 85 -11.61 6.53 -9.19
CA LEU A 85 -11.78 6.86 -7.77
C LEU A 85 -11.10 8.17 -7.37
N ALA A 86 -9.99 8.48 -8.03
CA ALA A 86 -9.11 9.55 -7.58
C ALA A 86 -9.67 10.90 -7.99
N GLN A 87 -10.65 10.86 -8.89
CA GLN A 87 -11.40 12.04 -9.29
C GLN A 87 -12.03 12.70 -8.08
N GLU A 88 -12.22 11.94 -7.02
CA GLU A 88 -12.90 12.41 -5.82
C GLU A 88 -12.01 13.38 -5.02
N PHE A 89 -10.70 13.29 -5.22
CA PHE A 89 -9.77 13.96 -4.31
C PHE A 89 -8.93 15.11 -4.89
N PRO A 90 -8.82 16.21 -4.12
CA PRO A 90 -8.07 17.39 -4.59
C PRO A 90 -6.54 17.27 -4.40
N GLU A 91 -6.09 16.41 -3.49
CA GLU A 91 -4.67 16.15 -3.30
C GLU A 91 -4.40 14.65 -3.01
N LEU A 92 -3.43 14.08 -3.71
CA LEU A 92 -3.08 12.69 -3.55
C LEU A 92 -1.59 12.48 -3.31
N LEU A 93 -1.25 11.39 -2.61
CA LEU A 93 0.16 10.97 -2.48
C LEU A 93 0.32 9.77 -3.37
N ALA A 94 1.43 9.73 -4.11
CA ALA A 94 1.75 8.59 -4.94
C ALA A 94 3.01 7.95 -4.40
N ILE A 95 2.81 6.98 -3.51
CA ILE A 95 3.92 6.38 -2.82
C ILE A 95 4.46 5.28 -3.67
N GLU A 96 5.76 5.35 -3.88
CA GLU A 96 6.39 4.57 -4.92
C GLU A 96 7.56 3.79 -4.38
N ASP A 97 7.57 2.50 -4.63
CA ASP A 97 8.71 1.64 -4.22
C ASP A 97 8.63 0.25 -4.89
N THR A 98 9.74 -0.47 -4.80
CA THR A 98 9.91 -1.80 -5.37
C THR A 98 9.84 -2.86 -4.29
N THR A 99 9.32 -4.04 -4.66
CA THR A 99 9.41 -5.23 -3.83
C THR A 99 9.74 -6.39 -4.78
N SER A 100 10.09 -7.53 -4.19
CA SER A 100 10.35 -8.72 -4.97
C SER A 100 9.25 -9.72 -4.72
N LEU A 101 8.90 -10.49 -5.75
CA LEU A 101 8.00 -11.64 -5.63
C LEU A 101 8.88 -12.86 -5.86
N SER A 102 8.99 -13.72 -4.84
CA SER A 102 10.04 -14.75 -4.77
C SER A 102 9.49 -16.16 -4.69
N TYR A 103 10.07 -17.08 -5.46
CA TYR A 103 9.58 -18.45 -5.56
C TYR A 103 10.75 -19.46 -5.62
N ARG A 104 10.49 -20.70 -5.20
CA ARG A 104 11.53 -21.75 -5.21
C ARG A 104 11.04 -23.05 -5.81
N HIS A 105 9.80 -23.10 -6.29
CA HIS A 105 9.35 -24.31 -6.97
C HIS A 105 9.86 -24.34 -8.43
N GLN A 106 9.45 -25.34 -9.20
CA GLN A 106 10.12 -25.64 -10.48
C GLN A 106 10.10 -24.48 -11.46
N VAL A 107 9.07 -23.64 -11.37
CA VAL A 107 8.92 -22.48 -12.24
C VAL A 107 9.94 -21.37 -11.96
N ALA A 108 10.52 -21.40 -10.76
CA ALA A 108 11.41 -20.34 -10.32
C ALA A 108 12.60 -20.18 -11.26
N GLU A 109 13.03 -21.27 -11.87
CA GLU A 109 14.18 -21.22 -12.73
C GLU A 109 13.86 -20.59 -14.07
N GLU A 110 12.57 -20.41 -14.37
CA GLU A 110 12.20 -19.69 -15.59
C GLU A 110 11.99 -18.20 -15.29
N LEU A 111 12.29 -17.81 -14.06
CA LEU A 111 12.04 -16.46 -13.63
C LEU A 111 13.36 -15.67 -13.52
N GLY A 112 13.30 -14.46 -12.99
CA GLY A 112 14.48 -13.63 -12.93
C GLY A 112 15.25 -13.65 -11.63
N LYS A 113 16.46 -13.10 -11.67
CA LYS A 113 17.39 -13.05 -10.54
C LYS A 113 16.90 -12.12 -9.46
N LEU A 114 17.00 -12.56 -8.21
CA LEU A 114 16.74 -11.71 -7.05
C LEU A 114 17.97 -11.54 -6.12
N GLY A 115 18.82 -12.56 -6.05
CA GLY A 115 20.05 -12.48 -5.23
C GLY A 115 21.27 -12.83 -6.07
N SER A 116 21.92 -13.95 -5.78
CA SER A 116 23.09 -14.36 -6.53
C SER A 116 22.68 -15.25 -7.67
N ILE A 117 23.54 -15.43 -8.67
CA ILE A 117 23.20 -16.25 -9.82
C ILE A 117 22.78 -17.68 -9.41
N GLN A 118 23.33 -18.16 -8.30
CA GLN A 118 23.11 -19.54 -7.87
C GLN A 118 21.84 -19.79 -7.07
N ASP A 119 21.25 -18.74 -6.47
CA ASP A 119 20.09 -18.90 -5.59
C ASP A 119 18.92 -19.58 -6.27
N LYS A 120 18.22 -20.44 -5.52
CA LYS A 120 17.07 -21.11 -6.07
C LYS A 120 15.88 -20.17 -6.05
N SER A 121 15.92 -19.19 -5.15
CA SER A 121 14.84 -18.22 -5.02
C SER A 121 14.94 -17.22 -6.16
N ARG A 122 13.93 -17.25 -7.02
CA ARG A 122 13.88 -16.40 -8.19
C ARG A 122 12.44 -15.91 -8.38
N GLY A 123 12.22 -15.01 -9.32
CA GLY A 123 10.92 -14.38 -9.44
C GLY A 123 11.06 -13.01 -10.04
N TRP A 124 10.20 -12.09 -9.63
CA TRP A 124 10.10 -10.80 -10.31
C TRP A 124 10.42 -9.69 -9.35
N TRP A 125 10.84 -8.56 -9.93
CA TRP A 125 10.83 -7.29 -9.24
C TRP A 125 9.62 -6.51 -9.73
N VAL A 126 8.89 -5.93 -8.78
CA VAL A 126 7.72 -5.15 -9.09
C VAL A 126 7.87 -3.77 -8.47
N HIS A 127 7.72 -2.75 -9.31
CA HIS A 127 7.79 -1.38 -8.87
C HIS A 127 6.39 -0.77 -8.92
N SER A 128 5.89 -0.35 -7.76
CA SER A 128 4.48 -0.03 -7.59
C SER A 128 4.22 1.40 -7.20
N VAL A 129 3.09 1.94 -7.66
CA VAL A 129 2.67 3.26 -7.24
C VAL A 129 1.36 3.13 -6.53
N LEU A 130 1.36 3.43 -5.22
CA LEU A 130 0.15 3.36 -4.41
C LEU A 130 -0.38 4.75 -4.10
N LEU A 131 -1.61 4.99 -4.55
CA LEU A 131 -2.23 6.28 -4.37
C LEU A 131 -3.02 6.35 -3.07
N LEU A 132 -2.74 7.38 -2.28
CA LEU A 132 -3.55 7.69 -1.10
C LEU A 132 -4.15 9.05 -1.35
N GLU A 133 -5.30 9.36 -0.74
CA GLU A 133 -5.74 10.75 -0.62
C GLU A 133 -4.97 11.45 0.51
N ALA A 134 -4.72 12.74 0.31
CA ALA A 134 -3.67 13.46 1.06
C ALA A 134 -4.14 14.08 2.37
N THR A 135 -5.45 14.16 2.54
CA THR A 135 -6.07 14.68 3.75
C THR A 135 -6.08 13.69 4.92
N THR A 136 -6.74 12.54 4.73
CA THR A 136 -6.84 11.55 5.80
C THR A 136 -6.11 10.27 5.41
N PHE A 137 -5.35 10.34 4.32
CA PHE A 137 -4.39 9.29 3.94
C PHE A 137 -5.02 7.96 3.64
N ARG A 138 -6.24 7.93 3.13
CA ARG A 138 -6.86 6.63 2.91
C ARG A 138 -6.38 6.08 1.58
N THR A 139 -6.40 4.76 1.44
CA THR A 139 -5.85 4.16 0.25
C THR A 139 -6.83 4.21 -0.92
N VAL A 140 -6.44 4.89 -2.00
CA VAL A 140 -7.25 4.96 -3.21
C VAL A 140 -6.94 3.75 -4.12
N GLY A 141 -5.71 3.23 -4.06
CA GLY A 141 -5.34 2.07 -4.86
C GLY A 141 -4.09 2.14 -5.71
N LEU A 142 -3.92 1.11 -6.55
CA LEU A 142 -2.74 0.98 -7.38
C LEU A 142 -2.96 1.81 -8.64
N LEU A 143 -1.96 2.65 -8.93
CA LEU A 143 -1.93 3.42 -10.15
C LEU A 143 -1.07 2.72 -11.19
N HIS A 144 -0.08 1.96 -10.72
CA HIS A 144 0.97 1.48 -11.59
C HIS A 144 1.75 0.41 -10.93
N GLN A 145 2.15 -0.57 -11.74
CA GLN A 145 3.10 -1.60 -11.36
C GLN A 145 3.94 -1.91 -12.59
N GLU A 146 5.26 -1.91 -12.43
CA GLU A 146 6.10 -2.46 -13.46
C GLU A 146 6.69 -3.77 -12.95
N TRP A 147 6.43 -4.84 -13.68
CA TRP A 147 7.04 -6.12 -13.36
C TRP A 147 8.20 -6.31 -14.31
N TRP A 148 9.31 -6.87 -13.82
CA TRP A 148 10.39 -7.29 -14.73
C TRP A 148 11.20 -8.43 -14.14
N MET A 149 11.94 -9.10 -15.01
CA MET A 149 12.83 -10.16 -14.57
C MET A 149 14.25 -9.67 -14.73
N ARG A 150 14.96 -9.49 -13.61
CA ARG A 150 16.38 -9.14 -13.65
C ARG A 150 17.19 -10.29 -14.26
N PRO A 151 18.02 -10.01 -15.30
CA PRO A 151 18.80 -11.10 -15.90
C PRO A 151 20.01 -11.49 -15.05
N ASP A 152 20.45 -12.73 -15.19
CA ASP A 152 21.67 -13.17 -14.48
C ASP A 152 22.87 -12.27 -14.81
N ASP A 153 22.97 -11.85 -16.07
CA ASP A 153 24.08 -11.01 -16.51
C ASP A 153 23.64 -9.54 -16.63
N PRO A 154 24.16 -8.66 -15.75
CA PRO A 154 23.73 -7.26 -15.67
C PRO A 154 23.80 -6.56 -17.02
N ALA A 155 24.72 -6.99 -17.87
CA ALA A 155 24.89 -6.42 -19.20
C ALA A 155 23.91 -6.99 -20.24
N ASP A 156 22.96 -7.81 -19.79
CA ASP A 156 21.83 -8.23 -20.64
C ASP A 156 20.56 -7.43 -20.40
N ALA A 157 20.65 -6.42 -19.54
CA ALA A 157 19.51 -5.57 -19.23
C ALA A 157 19.21 -4.62 -20.38
N ASP A 158 17.94 -4.62 -20.81
CA ASP A 158 17.49 -3.75 -21.90
C ASP A 158 17.62 -2.27 -21.48
N GLU A 159 17.25 -2.01 -20.23
CA GLU A 159 17.27 -0.70 -19.61
C GLU A 159 17.83 -0.88 -18.20
N LYS A 160 18.46 0.15 -17.65
CA LYS A 160 18.95 0.14 -16.26
C LYS A 160 17.76 0.19 -15.30
N GLU A 161 17.86 -0.51 -14.17
CA GLU A 161 16.72 -0.63 -13.26
C GLU A 161 16.33 0.71 -12.63
N SER A 162 17.29 1.62 -12.52
CA SER A 162 17.03 2.92 -11.91
C SER A 162 16.07 3.81 -12.72
N GLY A 163 15.89 3.54 -14.02
CA GLY A 163 14.87 4.18 -14.82
C GLY A 163 13.43 3.86 -14.40
N LYS A 164 13.26 3.00 -13.40
CA LYS A 164 11.92 2.61 -12.97
C LYS A 164 11.12 3.80 -12.42
N TRP A 165 11.82 4.74 -11.79
CA TRP A 165 11.21 5.97 -11.27
C TRP A 165 10.65 6.85 -12.40
N LEU A 166 11.35 6.93 -13.52
CA LEU A 166 10.88 7.71 -14.65
C LEU A 166 9.76 6.97 -15.39
N ALA A 167 9.96 5.68 -15.63
CA ALA A 167 8.92 4.84 -16.25
C ALA A 167 7.59 4.99 -15.51
N ALA A 168 7.64 5.04 -14.17
CA ALA A 168 6.44 5.18 -13.36
C ALA A 168 5.79 6.55 -13.54
N ALA A 169 6.62 7.58 -13.66
CA ALA A 169 6.14 8.92 -13.82
C ALA A 169 5.34 8.95 -15.12
N ALA A 170 5.98 8.48 -16.19
CA ALA A 170 5.37 8.38 -17.52
C ALA A 170 4.00 7.68 -17.53
N THR A 171 3.87 6.63 -16.73
CA THR A 171 2.62 5.90 -16.64
C THR A 171 1.57 6.69 -15.84
N SER A 172 1.97 7.27 -14.71
CA SER A 172 1.03 7.99 -13.87
C SER A 172 0.44 9.18 -14.63
N ARG A 173 1.32 10.00 -15.20
CA ARG A 173 0.86 11.17 -15.91
C ARG A 173 -0.16 10.76 -16.99
N LEU A 174 0.21 9.82 -17.85
CA LEU A 174 -0.67 9.26 -18.86
C LEU A 174 -2.02 8.80 -18.28
N ARG A 175 -1.95 8.02 -17.20
CA ARG A 175 -3.16 7.53 -16.56
C ARG A 175 -3.94 8.67 -15.86
N MET A 176 -3.25 9.53 -15.11
CA MET A 176 -3.99 10.54 -14.34
C MET A 176 -4.44 11.69 -15.23
N GLY A 177 -3.72 11.88 -16.34
CA GLY A 177 -4.01 12.93 -17.31
C GLY A 177 -3.85 14.29 -16.66
N SER A 178 -4.92 15.07 -16.67
CA SER A 178 -4.94 16.40 -16.05
CA SER A 178 -5.00 16.40 -16.05
C SER A 178 -5.09 16.36 -14.52
N MET A 179 -5.24 15.16 -13.95
CA MET A 179 -5.33 15.06 -12.52
C MET A 179 -3.93 14.99 -11.92
N MET A 180 -2.91 15.02 -12.78
CA MET A 180 -1.51 14.84 -12.30
C MET A 180 -1.05 15.94 -11.33
N SER A 181 -1.45 17.18 -11.59
CA SER A 181 -1.11 18.32 -10.73
C SER A 181 -1.72 18.20 -9.34
N ASN A 182 -2.64 17.25 -9.20
CA ASN A 182 -3.20 16.86 -7.91
C ASN A 182 -2.29 15.95 -7.12
N VAL A 183 -1.33 15.34 -7.82
CA VAL A 183 -0.54 14.21 -7.31
C VAL A 183 0.86 14.62 -6.82
N ILE A 184 1.25 14.09 -5.66
CA ILE A 184 2.57 14.29 -5.08
C ILE A 184 3.25 12.93 -4.97
N ALA A 185 4.34 12.75 -5.72
CA ALA A 185 5.07 11.50 -5.68
C ALA A 185 5.99 11.48 -4.45
N VAL A 186 5.91 10.42 -3.66
CA VAL A 186 6.79 10.22 -2.51
C VAL A 186 7.72 9.03 -2.76
N CYS A 187 9.03 9.27 -2.68
CA CYS A 187 10.05 8.25 -2.83
C CYS A 187 11.22 8.38 -1.84
N ASP A 188 11.85 7.24 -1.53
CA ASP A 188 12.99 7.18 -0.61
C ASP A 188 14.29 7.48 -1.37
N ARG A 189 15.42 7.21 -0.71
CA ARG A 189 16.76 7.54 -1.20
C ARG A 189 17.19 6.99 -2.56
N GLU A 190 16.66 5.84 -2.95
CA GLU A 190 16.93 5.21 -4.25
CA GLU A 190 17.03 5.27 -4.22
C GLU A 190 16.49 6.14 -5.37
N ALA A 191 15.55 7.01 -5.08
CA ALA A 191 15.02 7.90 -6.10
C ALA A 191 15.77 9.23 -6.20
N ASP A 192 16.74 9.43 -5.30
CA ASP A 192 17.60 10.63 -5.28
C ASP A 192 18.56 10.55 -6.46
N ILE A 193 17.96 10.72 -7.64
CA ILE A 193 18.61 10.63 -8.93
C ILE A 193 18.37 11.97 -9.60
N HIS A 194 19.44 12.53 -10.16
CA HIS A 194 19.34 13.84 -10.76
C HIS A 194 18.35 13.81 -11.92
N ALA A 195 18.48 12.83 -12.80
CA ALA A 195 17.62 12.68 -13.97
C ALA A 195 16.15 12.62 -13.59
N TYR A 196 15.85 12.06 -12.41
CA TYR A 196 14.48 11.85 -11.96
C TYR A 196 13.89 13.16 -11.47
N LEU A 197 14.61 13.85 -10.59
CA LEU A 197 14.20 15.20 -10.16
C LEU A 197 13.94 16.13 -11.34
N GLN A 198 14.89 16.19 -12.25
CA GLN A 198 14.78 16.96 -13.49
C GLN A 198 13.49 16.69 -14.30
N ASP A 199 13.19 15.41 -14.56
CA ASP A 199 11.97 15.03 -15.27
C ASP A 199 10.69 15.48 -14.55
N LYS A 200 10.67 15.40 -13.22
CA LYS A 200 9.53 15.87 -12.47
C LYS A 200 9.34 17.38 -12.68
N LEU A 201 10.39 18.15 -12.40
CA LEU A 201 10.33 19.58 -12.51
C LEU A 201 9.94 20.02 -13.91
N ALA A 202 10.54 19.40 -14.94
CA ALA A 202 10.22 19.70 -16.35
C ALA A 202 8.74 19.48 -16.70
N HIS A 203 8.13 18.42 -16.15
CA HIS A 203 6.70 18.20 -16.33
C HIS A 203 5.87 18.99 -15.33
N ASN A 204 6.58 19.70 -14.42
CA ASN A 204 5.94 20.51 -13.39
C ASN A 204 5.14 19.63 -12.48
N GLU A 205 5.59 18.38 -12.35
CA GLU A 205 4.98 17.42 -11.43
C GLU A 205 5.57 17.62 -10.04
N ARG A 206 4.90 17.03 -9.05
CA ARG A 206 5.13 17.27 -7.62
C ARG A 206 5.63 16.01 -6.93
N PHE A 207 6.55 16.21 -5.97
CA PHE A 207 7.30 15.12 -5.34
C PHE A 207 7.88 15.52 -3.98
N VAL A 208 8.15 14.51 -3.15
CA VAL A 208 9.02 14.60 -1.99
C VAL A 208 9.94 13.35 -2.05
N VAL A 209 11.24 13.56 -2.26
CA VAL A 209 12.23 12.49 -2.39
C VAL A 209 13.32 12.73 -1.34
N ARG A 210 13.69 11.70 -0.59
CA ARG A 210 14.73 11.88 0.42
C ARG A 210 16.15 11.88 -0.17
N SER A 211 17.04 12.69 0.43
CA SER A 211 18.37 12.93 -0.08
C SER A 211 19.38 11.92 0.45
N LYS A 212 20.16 11.39 -0.49
CA LYS A 212 21.20 10.40 -0.24
C LYS A 212 22.56 11.04 -0.57
N HIS A 213 22.73 11.49 -1.80
CA HIS A 213 24.02 11.95 -2.29
C HIS A 213 24.27 13.41 -1.94
N PRO A 214 25.47 13.73 -1.43
CA PRO A 214 25.72 15.13 -1.16
C PRO A 214 25.82 15.85 -2.51
N ARG A 215 24.90 16.76 -2.75
CA ARG A 215 24.93 17.55 -3.97
C ARG A 215 25.21 18.95 -3.50
N LYS A 216 25.71 19.79 -4.40
CA LYS A 216 26.01 21.15 -4.04
C LYS A 216 24.96 22.08 -4.59
N ASP A 217 24.68 23.12 -3.80
CA ASP A 217 23.87 24.25 -4.20
C ASP A 217 24.70 25.29 -4.91
N VAL A 218 24.24 25.73 -6.08
CA VAL A 218 24.98 26.67 -6.90
C VAL A 218 25.18 28.02 -6.21
N GLU A 219 24.09 28.64 -5.74
CA GLU A 219 24.17 30.02 -5.25
C GLU A 219 25.04 30.17 -3.99
N SER A 220 25.23 29.09 -3.23
CA SER A 220 26.08 29.12 -2.04
C SER A 220 27.43 28.42 -2.23
N GLY A 221 27.45 27.44 -3.16
CA GLY A 221 28.62 26.59 -3.38
C GLY A 221 28.82 25.54 -2.32
N LEU A 222 27.78 25.30 -1.51
CA LEU A 222 27.84 24.36 -0.39
C LEU A 222 27.03 23.10 -0.66
N TYR A 223 27.42 22.01 0.00
CA TYR A 223 26.59 20.82 0.04
C TYR A 223 25.24 21.16 0.62
N LEU A 224 24.19 20.57 0.05
CA LEU A 224 22.82 20.85 0.44
C LEU A 224 22.68 20.92 1.94
N TYR A 225 23.30 19.97 2.62
CA TYR A 225 23.22 19.86 4.07
C TYR A 225 23.87 21.03 4.77
N ASP A 226 25.04 21.43 4.31
CA ASP A 226 25.74 22.54 4.95
C ASP A 226 25.00 23.86 4.71
N HIS A 227 24.39 23.99 3.54
CA HIS A 227 23.64 25.20 3.18
C HIS A 227 22.35 25.31 3.95
N LEU A 228 21.75 24.15 4.23
CA LEU A 228 20.49 24.11 4.97
C LEU A 228 20.75 24.33 6.44
N LYS A 229 21.91 23.92 6.93
CA LYS A 229 22.24 24.13 8.33
C LYS A 229 22.54 25.61 8.60
N ASN A 230 22.75 26.39 7.54
CA ASN A 230 22.96 27.83 7.67
C ASN A 230 21.67 28.60 7.95
N GLN A 231 20.53 28.00 7.62
CA GLN A 231 19.26 28.72 7.62
C GLN A 231 18.80 28.98 9.04
N PRO A 232 17.84 29.91 9.24
CA PRO A 232 17.36 30.10 10.62
C PRO A 232 16.44 28.93 11.02
N GLU A 233 16.45 28.60 12.30
CA GLU A 233 15.60 27.53 12.83
C GLU A 233 14.13 27.86 12.60
N LEU A 234 13.58 27.28 11.53
CA LEU A 234 12.19 27.49 11.13
C LEU A 234 11.21 27.18 12.25
N GLY A 235 11.69 26.49 13.29
CA GLY A 235 10.84 25.95 14.34
C GLY A 235 11.20 24.50 14.63
N GLY A 236 10.51 23.90 15.60
CA GLY A 236 10.77 22.51 16.02
C GLY A 236 9.58 21.56 16.10
N TYR A 237 9.85 20.27 16.30
CA TYR A 237 8.83 19.24 16.58
C TYR A 237 9.46 18.03 17.25
N GLN A 238 8.77 17.50 18.24
CA GLN A 238 9.18 16.30 18.95
C GLN A 238 8.41 15.06 18.44
N ILE A 239 9.05 13.89 18.45
CA ILE A 239 8.40 12.63 18.05
C ILE A 239 8.57 11.54 19.10
N SER A 240 7.66 10.56 19.08
CA SER A 240 7.78 9.33 19.87
C SER A 240 8.21 8.15 18.99
N ILE A 241 9.30 7.49 19.38
CA ILE A 241 9.82 6.36 18.64
C ILE A 241 9.44 5.10 19.42
N PRO A 242 8.69 4.19 18.78
CA PRO A 242 8.08 3.04 19.45
C PRO A 242 9.01 1.84 19.57
N GLN A 243 8.93 1.11 20.68
CA GLN A 243 9.70 -0.13 20.85
C GLN A 243 9.55 -1.07 19.66
N LYS A 244 10.63 -1.79 19.35
CA LYS A 244 10.54 -2.92 18.46
C LYS A 244 11.79 -3.77 18.63
N GLY A 245 11.73 -5.04 18.26
CA GLY A 245 12.94 -5.83 18.14
C GLY A 245 13.64 -5.58 16.82
N VAL A 246 14.91 -5.95 16.75
CA VAL A 246 15.73 -5.72 15.56
C VAL A 246 16.58 -6.95 15.29
N VAL A 247 16.58 -7.37 14.02
CA VAL A 247 17.29 -8.55 13.57
C VAL A 247 18.06 -8.11 12.37
N ASP A 248 19.39 -8.10 12.47
CA ASP A 248 20.22 -7.65 11.36
C ASP A 248 20.33 -8.68 10.24
N LYS A 249 21.00 -8.24 9.18
CA LYS A 249 21.20 -9.01 7.97
C LYS A 249 21.90 -10.36 8.18
N ARG A 250 22.83 -10.43 9.14
CA ARG A 250 23.53 -11.67 9.48
C ARG A 250 22.79 -12.52 10.54
N GLY A 251 21.54 -12.17 10.86
CA GLY A 251 20.76 -12.92 11.84
C GLY A 251 20.92 -12.51 13.30
N LYS A 252 21.51 -11.35 13.54
CA LYS A 252 21.78 -10.91 14.90
C LYS A 252 20.65 -10.06 15.48
N ARG A 253 20.22 -10.44 16.68
CA ARG A 253 19.04 -9.83 17.33
C ARG A 253 19.44 -8.80 18.40
N LYS A 254 18.84 -7.62 18.33
CA LYS A 254 18.99 -6.63 19.40
C LYS A 254 17.65 -5.92 19.68
N ASN A 255 17.56 -5.26 20.84
CA ASN A 255 16.36 -4.48 21.15
C ASN A 255 16.52 -3.01 20.69
N ARG A 256 15.44 -2.40 20.16
CA ARG A 256 15.35 -0.95 20.08
C ARG A 256 14.28 -0.39 21.00
N PRO A 257 14.67 -0.02 22.23
CA PRO A 257 13.80 0.58 23.24
C PRO A 257 13.17 1.88 22.75
N ALA A 258 11.89 2.07 23.03
CA ALA A 258 11.20 3.32 22.70
C ALA A 258 11.96 4.53 23.25
N ARG A 259 11.86 5.65 22.54
CA ARG A 259 12.35 6.91 23.08
C ARG A 259 11.69 8.10 22.39
N LYS A 260 11.85 9.27 22.99
CA LYS A 260 11.36 10.52 22.43
C LYS A 260 12.53 11.31 21.85
N ALA A 261 12.42 11.73 20.60
CA ALA A 261 13.45 12.53 19.97
C ALA A 261 12.85 13.89 19.64
N SER A 262 13.67 14.94 19.66
CA SER A 262 13.21 16.28 19.26
C SER A 262 14.02 16.81 18.08
N LEU A 263 13.31 17.38 17.11
CA LEU A 263 13.91 17.79 15.83
C LEU A 263 13.82 19.30 15.58
N SER A 264 14.89 19.88 15.02
CA SER A 264 14.87 21.26 14.59
C SER A 264 14.68 21.22 13.08
N LEU A 265 13.81 22.08 12.59
CA LEU A 265 13.46 22.07 11.19
C LEU A 265 14.04 23.29 10.47
N ARG A 266 14.55 23.11 9.25
CA ARG A 266 14.98 24.24 8.41
C ARG A 266 14.62 24.00 6.95
N SER A 267 14.35 25.07 6.19
CA SER A 267 14.19 24.89 4.75
C SER A 267 14.97 25.87 3.93
N GLY A 268 14.85 25.76 2.61
CA GLY A 268 15.43 26.73 1.71
C GLY A 268 15.15 26.34 0.27
N ARG A 269 15.25 27.33 -0.60
CA ARG A 269 15.20 27.10 -2.02
C ARG A 269 16.63 26.76 -2.40
N ILE A 270 16.80 25.78 -3.29
CA ILE A 270 18.12 25.32 -3.67
C ILE A 270 18.21 25.11 -5.18
N THR A 271 19.41 25.28 -5.73
CA THR A 271 19.67 25.03 -7.15
C THR A 271 20.81 24.06 -7.29
N LEU A 272 20.65 23.08 -8.17
CA LEU A 272 21.65 22.06 -8.34
C LEU A 272 22.51 22.40 -9.54
N LYS A 273 23.81 22.14 -9.40
CA LYS A 273 24.76 22.39 -10.47
C LYS A 273 24.18 21.73 -11.72
N GLN A 274 24.01 20.42 -11.69
CA GLN A 274 23.57 19.67 -12.88
C GLN A 274 22.18 20.12 -13.28
N GLY A 275 22.03 20.48 -14.56
CA GLY A 275 20.75 20.84 -15.14
C GLY A 275 20.22 22.20 -14.72
N ASN A 276 21.00 22.92 -13.92
CA ASN A 276 20.59 24.20 -13.34
C ASN A 276 19.13 24.22 -12.92
N ILE A 277 18.75 23.14 -12.24
CA ILE A 277 17.39 22.91 -11.80
C ILE A 277 17.19 23.43 -10.39
N THR A 278 16.13 24.19 -10.20
CA THR A 278 15.85 24.72 -8.87
C THR A 278 14.63 24.07 -8.20
N LEU A 279 14.74 23.83 -6.90
CA LEU A 279 13.70 23.20 -6.11
C LEU A 279 13.92 23.56 -4.66
N ASN A 280 13.05 23.08 -3.78
CA ASN A 280 13.20 23.36 -2.37
C ASN A 280 13.66 22.13 -1.66
N ALA A 281 14.02 22.33 -0.39
CA ALA A 281 14.52 21.26 0.44
C ALA A 281 14.31 21.61 1.88
N VAL A 282 13.89 20.61 2.65
CA VAL A 282 13.72 20.72 4.08
C VAL A 282 14.75 19.79 4.69
N LEU A 283 15.26 20.19 5.85
CA LEU A 283 16.19 19.40 6.63
C LEU A 283 15.69 19.40 8.06
N ALA A 284 15.39 18.20 8.53
CA ALA A 284 15.08 17.90 9.94
C ALA A 284 16.27 17.17 10.52
N GLU A 285 16.68 17.62 11.70
CA GLU A 285 17.86 17.08 12.40
C GLU A 285 17.61 17.12 13.90
N GLU A 286 18.13 16.11 14.59
CA GLU A 286 17.87 15.91 16.00
C GLU A 286 18.73 16.86 16.79
N ILE A 287 18.11 17.54 17.75
CA ILE A 287 18.82 18.35 18.76
C ILE A 287 19.23 17.43 19.92
N ASN A 288 20.54 17.39 20.22
CA ASN A 288 21.12 16.67 21.37
C ASN A 288 20.62 15.24 21.56
N PRO A 289 21.12 14.32 20.74
CA PRO A 289 20.76 12.91 20.90
C PRO A 289 21.52 12.29 22.08
N PRO A 290 20.93 11.26 22.75
CA PRO A 290 21.52 10.58 23.91
C PRO A 290 22.90 9.98 23.63
N LYS A 291 23.74 9.87 24.67
CA LYS A 291 25.16 9.49 24.55
C LYS A 291 25.55 8.69 23.29
N GLY A 292 24.95 7.51 23.11
CA GLY A 292 25.35 6.61 22.03
C GLY A 292 24.22 6.09 21.16
N GLU A 293 23.69 6.98 20.32
CA GLU A 293 22.63 6.65 19.36
C GLU A 293 22.83 7.49 18.10
N THR A 294 22.39 6.97 16.96
CA THR A 294 22.43 7.70 15.69
C THR A 294 21.51 8.92 15.80
N PRO A 295 22.06 10.14 15.69
CA PRO A 295 21.21 11.33 15.70
C PRO A 295 20.28 11.29 14.49
N LEU A 296 19.00 11.63 14.64
CA LEU A 296 18.12 11.58 13.48
C LEU A 296 18.49 12.68 12.49
N LYS A 297 18.29 12.40 11.20
CA LYS A 297 18.66 13.31 10.14
C LYS A 297 17.88 12.95 8.88
N TRP A 298 16.91 13.81 8.53
CA TRP A 298 16.24 13.73 7.22
C TRP A 298 16.52 14.95 6.36
N LEU A 299 16.92 14.72 5.12
CA LEU A 299 17.01 15.78 4.17
C LEU A 299 16.06 15.48 3.02
N LEU A 300 15.04 16.33 2.84
CA LEU A 300 14.04 16.07 1.81
C LEU A 300 14.06 17.08 0.64
N LEU A 301 14.03 16.55 -0.57
CA LEU A 301 13.98 17.35 -1.78
C LEU A 301 12.53 17.47 -2.27
N THR A 302 12.05 18.68 -2.47
CA THR A 302 10.63 18.83 -2.78
C THR A 302 10.25 19.94 -3.76
N SER A 303 9.22 19.63 -4.56
CA SER A 303 8.54 20.60 -5.39
C SER A 303 7.66 21.45 -4.52
N GLU A 304 7.17 20.88 -3.41
CA GLU A 304 6.20 21.58 -2.55
C GLU A 304 6.76 22.83 -1.89
N PRO A 305 5.89 23.84 -1.62
CA PRO A 305 6.24 24.99 -0.77
C PRO A 305 6.85 24.56 0.58
N VAL A 306 7.81 25.32 1.09
CA VAL A 306 8.53 24.99 2.32
C VAL A 306 8.84 26.17 3.25
N GLU A 307 8.57 27.40 2.79
CA GLU A 307 9.04 28.61 3.48
C GLU A 307 8.47 28.93 4.89
N SER A 308 7.28 28.40 5.23
CA SER A 308 6.70 28.57 6.57
C SER A 308 6.96 27.32 7.40
N LEU A 309 6.92 27.44 8.73
CA LEU A 309 7.07 26.23 9.57
C LEU A 309 6.08 25.12 9.16
N ALA A 310 4.82 25.50 9.05
CA ALA A 310 3.75 24.59 8.72
C ALA A 310 3.94 23.94 7.36
N GLN A 311 4.35 24.73 6.36
CA GLN A 311 4.59 24.17 5.02
C GLN A 311 5.65 23.07 5.05
N ALA A 312 6.68 23.30 5.88
CA ALA A 312 7.75 22.32 6.09
C ALA A 312 7.28 21.10 6.86
N LEU A 313 6.36 21.28 7.80
CA LEU A 313 5.84 20.10 8.50
C LEU A 313 5.00 19.26 7.56
N ARG A 314 4.13 19.90 6.77
CA ARG A 314 3.44 19.22 5.66
C ARG A 314 4.39 18.29 4.86
N VAL A 315 5.61 18.74 4.62
CA VAL A 315 6.60 17.97 3.89
C VAL A 315 7.06 16.77 4.72
N ILE A 316 7.48 17.00 5.96
CA ILE A 316 7.90 15.89 6.81
C ILE A 316 6.82 14.82 6.87
N ASP A 317 5.61 15.25 7.13
CA ASP A 317 4.57 14.29 7.35
C ASP A 317 4.14 13.57 6.08
N ILE A 318 4.21 14.25 4.94
CA ILE A 318 4.02 13.59 3.65
C ILE A 318 4.98 12.41 3.53
N TYR A 319 6.24 12.63 3.94
CA TYR A 319 7.24 11.55 3.94
C TYR A 319 6.96 10.47 4.98
N THR A 320 6.45 10.85 6.15
CA THR A 320 6.27 9.92 7.26
C THR A 320 5.27 8.81 6.91
N HIS A 321 4.57 8.98 5.80
CA HIS A 321 3.62 8.00 5.32
C HIS A 321 4.20 7.02 4.29
N ARG A 322 5.50 7.12 4.02
CA ARG A 322 6.14 6.22 3.05
C ARG A 322 6.01 4.74 3.42
N TRP A 323 6.08 4.39 4.71
CA TRP A 323 5.90 3.01 5.15
C TRP A 323 4.68 2.32 4.50
N ARG A 324 3.71 3.11 4.04
CA ARG A 324 2.44 2.56 3.57
C ARG A 324 2.58 1.65 2.37
N ILE A 325 3.60 1.93 1.55
CA ILE A 325 3.89 1.08 0.44
C ILE A 325 4.43 -0.29 0.90
N GLU A 326 5.22 -0.33 1.98
CA GLU A 326 5.62 -1.60 2.58
C GLU A 326 4.39 -2.37 3.09
N GLU A 327 3.42 -1.63 3.64
CA GLU A 327 2.22 -2.23 4.19
C GLU A 327 1.42 -2.91 3.09
N PHE A 328 1.32 -2.24 1.94
CA PHE A 328 0.82 -2.89 0.74
C PHE A 328 1.61 -4.16 0.40
N HIS A 329 2.93 -4.06 0.27
CA HIS A 329 3.75 -5.26 -0.01
C HIS A 329 3.49 -6.43 0.93
N LYS A 330 3.39 -6.15 2.22
CA LYS A 330 2.99 -7.15 3.20
C LYS A 330 1.54 -7.66 2.90
N ALA A 331 0.61 -6.76 2.61
CA ALA A 331 -0.75 -7.19 2.22
C ALA A 331 -0.76 -8.06 0.99
N TRP A 332 0.08 -7.74 0.02
CA TRP A 332 0.20 -8.55 -1.16
C TRP A 332 0.76 -9.94 -0.82
N LYS A 333 1.89 -10.00 -0.10
CA LYS A 333 2.55 -11.26 0.19
C LYS A 333 1.87 -12.05 1.30
N THR A 334 2.30 -11.85 2.55
CA THR A 334 1.68 -12.45 3.74
C THR A 334 0.15 -12.50 3.70
N GLY A 335 -0.49 -11.37 3.38
CA GLY A 335 -1.94 -11.26 3.49
C GLY A 335 -2.69 -11.98 2.39
N ALA A 336 -2.58 -11.52 1.16
CA ALA A 336 -3.35 -12.09 0.07
C ALA A 336 -2.72 -13.39 -0.47
N GLY A 337 -1.43 -13.60 -0.22
CA GLY A 337 -0.79 -14.89 -0.53
C GLY A 337 -0.04 -14.98 -1.85
N ALA A 338 0.45 -13.84 -2.36
CA ALA A 338 1.22 -13.82 -3.62
C ALA A 338 2.35 -14.84 -3.72
N GLU A 339 3.11 -15.01 -2.64
CA GLU A 339 4.26 -15.91 -2.66
C GLU A 339 3.87 -17.33 -2.25
N ARG A 340 2.62 -17.49 -1.79
CA ARG A 340 2.07 -18.81 -1.45
C ARG A 340 1.49 -19.50 -2.69
N GLN A 341 1.40 -18.79 -3.81
CA GLN A 341 0.88 -19.39 -5.04
C GLN A 341 1.88 -20.38 -5.59
N ARG A 342 1.42 -21.35 -6.39
CA ARG A 342 2.34 -22.37 -6.88
C ARG A 342 2.00 -22.78 -8.30
N MET A 343 1.44 -21.83 -9.05
CA MET A 343 1.29 -22.00 -10.52
C MET A 343 2.60 -22.46 -11.13
N GLU A 344 2.47 -23.20 -12.22
CA GLU A 344 3.60 -23.96 -12.76
C GLU A 344 4.18 -23.32 -14.01
N GLU A 345 3.68 -22.12 -14.32
CA GLU A 345 4.12 -21.39 -15.50
C GLU A 345 4.10 -19.91 -15.13
N PRO A 346 5.09 -19.15 -15.64
CA PRO A 346 5.22 -17.72 -15.36
C PRO A 346 3.98 -16.88 -15.63
N ASP A 347 3.40 -17.01 -16.81
CA ASP A 347 2.23 -16.20 -17.15
C ASP A 347 1.06 -16.55 -16.24
N ASN A 348 0.91 -17.85 -15.94
CA ASN A 348 -0.14 -18.30 -15.02
C ASN A 348 0.10 -17.68 -13.66
N LEU A 349 1.35 -17.74 -13.21
CA LEU A 349 1.74 -17.20 -11.91
C LEU A 349 1.54 -15.69 -11.90
N GLU A 350 1.85 -15.03 -13.00
CA GLU A 350 1.67 -13.60 -13.08
C GLU A 350 0.17 -13.20 -13.05
N ARG A 351 -0.66 -13.88 -13.83
CA ARG A 351 -2.06 -13.44 -13.96
C ARG A 351 -2.69 -13.54 -12.60
N MET A 352 -2.43 -14.66 -11.91
CA MET A 352 -2.94 -14.85 -10.54
C MET A 352 -2.45 -13.76 -9.60
N VAL A 353 -1.16 -13.53 -9.58
CA VAL A 353 -0.59 -12.61 -8.62
C VAL A 353 -0.96 -11.18 -8.94
N SER A 354 -1.11 -10.89 -10.23
CA SER A 354 -1.72 -9.65 -10.64
C SER A 354 -3.06 -9.47 -9.91
N ILE A 355 -3.95 -10.46 -9.98
CA ILE A 355 -5.26 -10.32 -9.33
C ILE A 355 -5.09 -10.06 -7.84
N LEU A 356 -4.20 -10.83 -7.22
CA LEU A 356 -3.98 -10.77 -5.80
C LEU A 356 -3.51 -9.38 -5.30
N SER A 357 -2.88 -8.60 -6.18
CA SER A 357 -2.47 -7.25 -5.78
C SER A 357 -3.64 -6.32 -5.48
N PHE A 358 -4.74 -6.47 -6.21
CA PHE A 358 -5.92 -5.67 -5.91
C PHE A 358 -6.67 -6.20 -4.67
N VAL A 359 -6.57 -7.51 -4.41
CA VAL A 359 -7.13 -8.11 -3.20
C VAL A 359 -6.41 -7.52 -1.99
N ALA A 360 -5.08 -7.44 -2.08
CA ALA A 360 -4.21 -6.84 -1.08
C ALA A 360 -4.67 -5.44 -0.71
N VAL A 361 -4.87 -4.62 -1.73
CA VAL A 361 -5.33 -3.26 -1.54
C VAL A 361 -6.64 -3.25 -0.76
N ARG A 362 -7.49 -4.25 -1.02
CA ARG A 362 -8.79 -4.24 -0.38
C ARG A 362 -8.74 -4.62 1.11
N LEU A 363 -7.74 -5.41 1.48
CA LEU A 363 -7.46 -5.71 2.89
C LEU A 363 -7.14 -4.41 3.63
N LEU A 364 -6.30 -3.59 3.01
CA LEU A 364 -5.94 -2.30 3.58
C LEU A 364 -7.19 -1.45 3.75
N GLN A 365 -7.98 -1.40 2.67
CA GLN A 365 -9.18 -0.55 2.62
C GLN A 365 -10.28 -1.02 3.58
N LEU A 366 -10.36 -2.32 3.83
CA LEU A 366 -11.32 -2.85 4.79
C LEU A 366 -11.12 -2.34 6.20
N ARG A 367 -9.87 -2.32 6.67
CA ARG A 367 -9.62 -1.75 7.98
C ARG A 367 -9.92 -0.25 7.94
N GLU A 368 -9.47 0.40 6.86
CA GLU A 368 -9.64 1.85 6.69
C GLU A 368 -11.12 2.24 6.66
N SER A 369 -11.94 1.35 6.14
CA SER A 369 -13.38 1.56 6.13
C SER A 369 -14.00 1.63 7.52
N PHE A 370 -13.27 1.22 8.55
CA PHE A 370 -13.83 1.28 9.90
C PHE A 370 -13.15 2.30 10.80
N THR A 371 -12.07 2.92 10.32
CA THR A 371 -11.09 3.60 11.21
C THR A 371 -11.52 4.85 11.96
N PRO A 372 -12.14 5.84 11.27
CA PRO A 372 -12.13 7.23 11.76
C PRO A 372 -12.80 7.43 13.12
N SER A 390 -16.80 8.84 14.66
CA SER A 390 -17.43 9.99 15.30
C SER A 390 -18.90 9.73 15.70
N GLN A 391 -19.63 8.97 14.87
CA GLN A 391 -21.03 8.60 15.11
C GLN A 391 -21.30 7.08 15.03
N SER A 392 -22.43 6.66 14.44
CA SER A 392 -22.95 5.29 14.63
C SER A 392 -22.45 4.17 13.70
N ALA A 393 -22.37 2.97 14.28
CA ALA A 393 -22.01 1.74 13.57
C ALA A 393 -22.86 1.50 12.32
N GLU A 394 -24.10 1.98 12.36
CA GLU A 394 -25.09 1.79 11.29
C GLU A 394 -24.67 2.43 9.95
N THR A 395 -23.72 3.37 10.01
CA THR A 395 -23.20 4.04 8.82
C THR A 395 -22.32 3.11 7.97
N VAL A 396 -21.82 2.03 8.58
CA VAL A 396 -20.90 1.11 7.91
C VAL A 396 -21.44 -0.33 7.74
N LEU A 397 -22.01 -0.88 8.81
CA LEU A 397 -22.58 -2.25 8.82
C LEU A 397 -24.08 -2.28 8.47
N THR A 398 -24.56 -3.45 8.06
CA THR A 398 -25.99 -3.67 7.78
C THR A 398 -26.72 -3.89 9.10
N PRO A 399 -28.06 -3.72 9.12
CA PRO A 399 -28.76 -3.89 10.39
C PRO A 399 -28.50 -5.25 11.01
N ASP A 400 -28.53 -6.30 10.18
CA ASP A 400 -28.26 -7.67 10.65
C ASP A 400 -26.85 -7.79 11.20
N GLU A 401 -25.87 -7.22 10.48
CA GLU A 401 -24.47 -7.24 10.93
C GLU A 401 -24.32 -6.52 12.27
N CYS A 402 -25.07 -5.43 12.40
CA CYS A 402 -25.01 -4.58 13.57
C CYS A 402 -25.51 -5.30 14.82
N GLN A 403 -26.64 -5.99 14.72
CA GLN A 403 -27.17 -6.75 15.87
C GLN A 403 -26.27 -7.90 16.31
N LEU A 404 -25.82 -8.71 15.35
CA LEU A 404 -25.04 -9.90 15.66
C LEU A 404 -23.76 -9.51 16.37
N LEU A 405 -23.11 -8.48 15.84
CA LEU A 405 -21.90 -7.96 16.43
C LEU A 405 -22.17 -7.54 17.87
N GLY A 406 -23.30 -6.89 18.10
CA GLY A 406 -23.68 -6.45 19.44
C GLY A 406 -23.84 -7.61 20.40
N TYR A 407 -24.35 -8.73 19.89
CA TYR A 407 -24.50 -9.95 20.67
C TYR A 407 -23.14 -10.56 20.95
N LEU A 408 -22.32 -10.71 19.91
CA LEU A 408 -21.02 -11.34 20.05
C LEU A 408 -20.12 -10.56 21.00
N ASP A 409 -20.31 -9.24 21.03
CA ASP A 409 -19.45 -8.35 21.83
C ASP A 409 -19.90 -8.13 23.28
N LYS A 410 -21.12 -8.56 23.61
CA LYS A 410 -21.70 -8.40 24.95
C LYS A 410 -20.67 -8.59 26.06
N GLY A 411 -20.51 -7.56 26.89
CA GLY A 411 -19.57 -7.60 28.02
C GLY A 411 -18.20 -7.01 27.71
N LYS A 412 -17.75 -7.17 26.47
CA LYS A 412 -16.37 -6.84 26.11
C LYS A 412 -16.12 -5.35 25.81
N ARG A 413 -17.19 -4.57 25.70
CA ARG A 413 -17.14 -3.16 25.33
C ARG A 413 -16.47 -2.30 26.41
N LYS A 414 -15.51 -1.46 26.00
CA LYS A 414 -14.78 -0.60 26.96
C LYS A 414 -15.53 0.71 27.19
N ARG A 415 -15.14 1.48 28.22
CA ARG A 415 -15.89 2.73 28.51
C ARG A 415 -15.64 3.84 27.51
N LYS A 416 -14.44 3.90 26.94
CA LYS A 416 -14.12 4.82 25.85
C LYS A 416 -15.19 4.76 24.75
N GLU A 417 -15.70 3.55 24.49
CA GLU A 417 -16.56 3.28 23.32
C GLU A 417 -18.03 3.63 23.53
N LYS A 418 -18.47 4.67 22.82
CA LYS A 418 -19.87 5.07 22.77
C LYS A 418 -20.67 3.87 22.27
N ALA A 419 -21.78 3.58 22.95
CA ALA A 419 -22.62 2.43 22.62
C ALA A 419 -23.22 2.51 21.20
N GLY A 420 -22.88 1.53 20.37
CA GLY A 420 -23.42 1.44 19.00
C GLY A 420 -22.76 2.36 17.99
N SER A 421 -21.64 2.97 18.39
CA SER A 421 -20.88 3.84 17.51
C SER A 421 -19.97 3.06 16.53
N LEU A 422 -19.55 3.73 15.46
CA LEU A 422 -18.59 3.21 14.50
C LEU A 422 -17.24 2.95 15.16
N GLN A 423 -16.90 3.75 16.17
CA GLN A 423 -15.72 3.49 16.96
C GLN A 423 -15.85 2.16 17.72
N TRP A 424 -17.04 1.91 18.29
CA TRP A 424 -17.30 0.66 18.98
C TRP A 424 -17.26 -0.48 17.98
N ALA A 425 -17.80 -0.26 16.79
CA ALA A 425 -17.77 -1.30 15.77
C ALA A 425 -16.34 -1.67 15.39
N TYR A 426 -15.45 -0.69 15.34
CA TYR A 426 -14.05 -0.96 15.04
C TYR A 426 -13.49 -1.88 16.09
N MET A 427 -13.61 -1.48 17.36
CA MET A 427 -13.09 -2.30 18.44
C MET A 427 -13.72 -3.70 18.45
N ALA A 428 -15.04 -3.76 18.29
CA ALA A 428 -15.77 -5.04 18.41
C ALA A 428 -15.24 -6.04 17.41
N ILE A 429 -15.13 -5.61 16.16
CA ILE A 429 -14.54 -6.43 15.10
C ILE A 429 -13.09 -6.83 15.43
N ALA A 430 -12.33 -5.91 15.99
CA ALA A 430 -10.92 -6.15 16.30
C ALA A 430 -10.84 -7.25 17.34
N ARG A 431 -11.76 -7.21 18.31
CA ARG A 431 -11.77 -8.21 19.37
C ARG A 431 -12.15 -9.58 18.85
N LEU A 432 -13.05 -9.62 17.87
CA LEU A 432 -13.42 -10.86 17.19
C LEU A 432 -12.27 -11.40 16.39
N GLY A 433 -11.31 -10.53 16.07
CA GLY A 433 -10.15 -10.93 15.31
C GLY A 433 -8.98 -11.31 16.19
N GLY A 434 -9.17 -11.25 17.50
CA GLY A 434 -8.13 -11.66 18.44
C GLY A 434 -7.42 -10.54 19.17
N PHE A 435 -7.69 -9.30 18.76
CA PHE A 435 -6.99 -8.11 19.24
C PHE A 435 -7.07 -7.90 20.75
N MET A 436 -5.93 -7.80 21.41
CA MET A 436 -5.84 -7.54 22.86
C MET A 436 -4.99 -6.33 23.22
N ASP A 437 -4.69 -5.49 22.22
CA ASP A 437 -4.05 -4.20 22.49
C ASP A 437 -2.83 -4.33 23.43
N SER A 438 -1.91 -5.22 23.06
CA SER A 438 -0.74 -5.52 23.88
C SER A 438 0.18 -4.32 24.12
N LYS A 439 0.13 -3.33 23.23
CA LYS A 439 0.88 -2.10 23.41
C LYS A 439 -0.01 -0.90 23.73
N ARG A 440 -1.20 -1.15 24.24
CA ARG A 440 -2.12 -0.07 24.62
C ARG A 440 -2.10 1.09 23.62
N THR A 441 -2.21 0.80 22.32
CA THR A 441 -2.26 1.90 21.33
C THR A 441 -3.65 2.10 20.75
N GLY A 442 -4.52 1.10 20.92
CA GLY A 442 -5.85 1.14 20.34
C GLY A 442 -5.91 0.69 18.89
N ILE A 443 -4.75 0.54 18.25
CA ILE A 443 -4.71 0.25 16.82
C ILE A 443 -4.49 -1.23 16.56
N ALA A 444 -5.42 -1.82 15.81
CA ALA A 444 -5.31 -3.20 15.44
C ALA A 444 -4.72 -3.28 14.05
N SER A 445 -4.13 -4.42 13.73
CA SER A 445 -3.45 -4.57 12.44
C SER A 445 -4.52 -4.80 11.43
N TRP A 446 -4.25 -4.53 10.16
CA TRP A 446 -5.19 -4.94 9.16
C TRP A 446 -5.49 -6.45 9.24
N GLY A 447 -4.53 -7.22 9.75
CA GLY A 447 -4.68 -8.67 9.83
C GLY A 447 -5.73 -9.02 10.86
N ALA A 448 -5.71 -8.33 12.00
CA ALA A 448 -6.73 -8.58 13.02
C ALA A 448 -8.10 -8.16 12.52
N LEU A 449 -8.19 -6.99 11.91
CA LEU A 449 -9.48 -6.54 11.40
C LEU A 449 -10.06 -7.50 10.40
N TRP A 450 -9.20 -8.04 9.53
CA TRP A 450 -9.66 -8.99 8.55
C TRP A 450 -10.18 -10.25 9.22
N GLU A 451 -9.46 -10.80 10.19
CA GLU A 451 -9.91 -12.05 10.82
C GLU A 451 -11.27 -11.78 11.43
N GLY A 452 -11.38 -10.64 12.10
CA GLY A 452 -12.62 -10.19 12.74
C GLY A 452 -13.76 -10.04 11.75
N TRP A 453 -13.54 -9.29 10.70
CA TRP A 453 -14.56 -9.12 9.67
C TRP A 453 -15.03 -10.48 9.15
N GLU A 454 -14.05 -11.31 8.76
CA GLU A 454 -14.32 -12.65 8.24
C GLU A 454 -15.09 -13.53 9.22
N ALA A 455 -14.74 -13.44 10.51
CA ALA A 455 -15.45 -14.13 11.58
C ALA A 455 -16.89 -13.62 11.66
N LEU A 456 -17.04 -12.30 11.73
CA LEU A 456 -18.37 -11.69 11.78
C LEU A 456 -19.21 -12.11 10.58
N GLN A 457 -18.63 -12.06 9.38
CA GLN A 457 -19.28 -12.56 8.19
C GLN A 457 -19.64 -14.05 8.25
N SER A 458 -18.80 -14.86 8.90
CA SER A 458 -19.01 -16.30 8.93
C SER A 458 -20.16 -16.62 9.88
N LYS A 459 -20.13 -16.01 11.05
CA LYS A 459 -21.21 -16.17 12.00
C LYS A 459 -22.52 -15.62 11.45
N LEU A 460 -22.42 -14.67 10.52
CA LEU A 460 -23.59 -14.06 9.88
C LEU A 460 -24.34 -15.05 8.99
N ASP A 461 -23.62 -16.00 8.38
CA ASP A 461 -24.24 -17.07 7.60
C ASP A 461 -25.23 -17.82 8.46
N GLY A 462 -24.79 -18.17 9.68
CA GLY A 462 -25.59 -18.96 10.63
C GLY A 462 -26.81 -18.18 11.10
N PHE A 463 -26.55 -16.92 11.46
CA PHE A 463 -27.57 -15.95 11.84
C PHE A 463 -28.67 -15.82 10.79
N LEU A 464 -28.27 -15.69 9.53
CA LEU A 464 -29.23 -15.55 8.43
C LEU A 464 -29.99 -16.83 8.17
N ALA A 465 -29.26 -17.96 8.25
CA ALA A 465 -29.84 -19.30 8.12
C ALA A 465 -30.95 -19.58 9.15
N ALA A 466 -30.75 -19.11 10.38
CA ALA A 466 -31.76 -19.22 11.42
C ALA A 466 -32.92 -18.31 11.06
N LYS A 467 -32.60 -17.07 10.68
CA LYS A 467 -33.60 -16.09 10.23
C LYS A 467 -34.47 -16.70 9.13
N ASP A 468 -33.82 -17.21 8.08
CA ASP A 468 -34.51 -17.82 6.94
C ASP A 468 -35.47 -18.94 7.40
N LEU A 469 -34.93 -19.96 8.08
CA LEU A 469 -35.74 -21.04 8.64
C LEU A 469 -36.84 -20.52 9.58
N MET A 470 -36.47 -19.60 10.47
CA MET A 470 -37.43 -19.00 11.40
C MET A 470 -38.55 -18.27 10.63
N ALA A 471 -38.17 -17.68 9.49
CA ALA A 471 -39.11 -16.99 8.60
C ALA A 471 -40.02 -17.93 7.83
N GLN A 472 -39.57 -19.13 7.52
CA GLN A 472 -40.45 -20.10 6.85
C GLN A 472 -41.19 -21.02 7.84
N GLY A 473 -41.20 -20.63 9.12
CA GLY A 473 -41.96 -21.31 10.15
C GLY A 473 -41.43 -22.66 10.57
N ILE A 474 -40.12 -22.86 10.46
CA ILE A 474 -39.50 -24.10 10.94
C ILE A 474 -38.83 -23.86 12.29
N LYS A 475 -39.09 -24.76 13.23
CA LYS A 475 -38.49 -24.72 14.57
C LYS A 475 -36.98 -24.93 14.48
N ILE A 476 -36.24 -24.12 15.24
CA ILE A 476 -34.79 -24.25 15.33
C ILE A 476 -34.44 -25.20 16.48
N GLY A 477 -33.59 -26.18 16.18
CA GLY A 477 -33.11 -27.15 17.17
C GLY A 477 -34.20 -28.00 17.78
C1 GOL D . 1.73 -9.84 -21.31
O1 GOL D . 0.78 -8.94 -20.81
C2 GOL D . 2.30 -10.52 -20.08
O2 GOL D . 3.71 -10.37 -20.08
C3 GOL D . 1.87 -11.99 -20.02
O3 GOL D . 0.47 -12.09 -19.82
C1 GOL E . 20.48 -21.40 -2.81
O1 GOL E . 19.81 -22.61 -3.08
C2 GOL E . 19.63 -20.67 -1.77
O2 GOL E . 19.27 -21.68 -0.86
C3 GOL E . 18.36 -20.14 -2.48
O3 GOL E . 18.02 -18.80 -2.14
C1 GOL F . 12.86 -0.54 -15.65
O1 GOL F . 12.71 -0.20 -14.30
C2 GOL F . 13.01 -2.05 -15.76
O2 GOL F . 14.24 -2.47 -15.22
C3 GOL F . 12.95 -2.38 -17.24
O3 GOL F . 11.80 -3.16 -17.46
#